data_4O2P
#
_entry.id   4O2P
#
_cell.length_a   42.215
_cell.length_b   63.248
_cell.length_c   74.813
_cell.angle_alpha   101.35
_cell.angle_beta   90.44
_cell.angle_gamma   90.07
#
_symmetry.space_group_name_H-M   'P 1'
#
loop_
_entity.id
_entity.type
_entity.pdbx_description
1 polymer 'Proto-oncogene tyrosine-protein kinase Src'
2 non-polymer 1-[(2R)-2-chloro-2-phenylethyl]-6-{[2-(morpholin-4-yl)ethyl]sulfanyl}-N-phenyl-1H-pyrazolo[3,4-d]pyrimidin-4-amine
3 water water
#
_entity_poly.entity_id   1
_entity_poly.type   'polypeptide(L)'
_entity_poly.pdbx_seq_one_letter_code
;GHMQTQGLAKDAWEIPRESLRLEVKLGQGCFGEVWMGTWNGTTRVAIKTLKPGTMSPEAFLQEAQVMKKLRHEKLVQLYA
VVSEEPIYIVTEYMSKGSLLDFLKGEMGKYLRLPQLVDMAAQIASGMAYVERMNYVHRDLRAANILVGENLVCKVADFGL
ARLIEDNEYTARQGAKFPIKWTAPEAALYGRFTIKSDVWSFGILLTELTTKGRVPYPGMVNREVLDQVERGYRMPCPPEC
PESLHDLMCQCWRKDPEERPTFEYLQAFLEDYFTSTEPQYQPGENL
;
_entity_poly.pdbx_strand_id   A,B
#
# COMPACT_ATOMS: atom_id res chain seq x y z
N LYS A 10 -32.18 32.72 -3.09
CA LYS A 10 -31.44 32.21 -1.90
C LYS A 10 -30.17 31.46 -2.32
N ASP A 11 -30.31 30.15 -2.56
CA ASP A 11 -29.17 29.25 -2.72
C ASP A 11 -29.51 28.17 -3.76
N ALA A 12 -28.55 27.82 -4.60
CA ALA A 12 -28.75 26.79 -5.63
C ALA A 12 -28.94 25.37 -5.05
N TRP A 13 -28.64 25.20 -3.77
CA TRP A 13 -28.82 23.91 -3.10
C TRP A 13 -30.22 23.77 -2.50
N GLU A 14 -30.92 24.89 -2.41
CA GLU A 14 -32.28 24.93 -1.89
C GLU A 14 -33.27 24.21 -2.81
N ILE A 15 -34.14 23.40 -2.22
CA ILE A 15 -35.19 22.73 -2.98
C ILE A 15 -36.57 22.95 -2.34
N PRO A 16 -37.65 22.85 -3.15
CA PRO A 16 -38.98 22.99 -2.56
C PRO A 16 -39.40 21.75 -1.79
N ARG A 17 -40.19 21.95 -0.74
CA ARG A 17 -40.59 20.86 0.15
C ARG A 17 -41.38 19.74 -0.53
N GLU A 18 -42.07 20.07 -1.62
CA GLU A 18 -42.90 19.07 -2.31
C GLU A 18 -42.10 18.18 -3.26
N SER A 19 -40.82 18.52 -3.51
CA SER A 19 -39.94 17.68 -4.33
C SER A 19 -39.34 16.48 -3.58
N LEU A 20 -39.53 16.45 -2.26
CA LEU A 20 -39.03 15.37 -1.41
C LEU A 20 -40.14 14.47 -0.92
N ARG A 21 -39.99 13.17 -1.16
CA ARG A 21 -40.93 12.18 -0.67
C ARG A 21 -40.21 11.25 0.31
N LEU A 22 -40.54 11.37 1.59
CA LEU A 22 -39.97 10.53 2.64
C LEU A 22 -40.71 9.19 2.69
N GLU A 23 -40.02 8.11 2.37
CA GLU A 23 -40.66 6.79 2.23
C GLU A 23 -40.45 5.88 3.44
N VAL A 24 -39.25 5.32 3.57
CA VAL A 24 -38.94 4.41 4.68
C VAL A 24 -38.11 5.14 5.74
N LYS A 25 -38.55 5.10 7.00
CA LYS A 25 -37.73 5.60 8.10
C LYS A 25 -36.67 4.55 8.44
N LEU A 26 -35.42 5.00 8.57
CA LEU A 26 -34.30 4.07 8.74
C LEU A 26 -33.52 4.30 10.03
N GLY A 27 -33.76 5.43 10.69
CA GLY A 27 -33.03 5.76 11.91
C GLY A 27 -33.68 6.82 12.77
N GLN A 28 -33.53 6.65 14.08
CA GLN A 28 -34.16 7.52 15.07
C GLN A 28 -33.12 8.22 15.92
N GLY A 29 -33.35 9.51 16.18
CA GLY A 29 -32.46 10.29 17.03
C GLY A 29 -33.23 11.16 18.00
N CYS A 30 -32.52 11.82 18.90
CA CYS A 30 -33.12 12.73 19.88
C CYS A 30 -33.26 14.14 19.31
N PHE A 31 -32.50 14.42 18.24
CA PHE A 31 -32.50 15.74 17.60
C PHE A 31 -33.12 15.74 16.20
N GLY A 32 -33.46 14.56 15.70
CA GLY A 32 -34.04 14.41 14.37
C GLY A 32 -34.19 12.96 13.92
N GLU A 33 -34.44 12.77 12.62
CA GLU A 33 -34.67 11.45 12.03
C GLU A 33 -33.86 11.25 10.76
N VAL A 34 -33.74 10.00 10.32
CA VAL A 34 -33.10 9.67 9.04
C VAL A 34 -34.04 8.80 8.21
N TRP A 35 -34.23 9.19 6.95
CA TRP A 35 -35.16 8.49 6.06
C TRP A 35 -34.52 8.14 4.74
N MET A 36 -35.00 7.07 4.13
CA MET A 36 -34.79 6.84 2.72
C MET A 36 -35.96 7.48 1.97
N GLY A 37 -35.72 7.94 0.76
CA GLY A 37 -36.77 8.59 0.01
C GLY A 37 -36.44 8.87 -1.43
N THR A 38 -37.24 9.74 -2.03
CA THR A 38 -37.11 10.10 -3.43
C THR A 38 -37.14 11.61 -3.61
N TRP A 39 -36.34 12.09 -4.55
CA TRP A 39 -36.20 13.51 -4.87
C TRP A 39 -36.54 13.71 -6.34
N ASN A 40 -37.44 14.67 -6.61
CA ASN A 40 -37.98 14.92 -7.96
C ASN A 40 -38.61 13.68 -8.60
N GLY A 41 -39.17 12.79 -7.77
CA GLY A 41 -39.85 11.59 -8.26
C GLY A 41 -38.97 10.52 -8.89
N THR A 42 -37.68 10.79 -9.06
CA THR A 42 -36.75 9.86 -9.70
C THR A 42 -35.57 9.43 -8.80
N THR A 43 -34.86 10.41 -8.24
CA THR A 43 -33.63 10.19 -7.50
C THR A 43 -33.83 9.61 -6.10
N ARG A 44 -33.32 8.40 -5.88
CA ARG A 44 -33.28 7.78 -4.54
C ARG A 44 -32.33 8.56 -3.63
N VAL A 45 -32.77 8.87 -2.43
CA VAL A 45 -31.99 9.73 -1.52
C VAL A 45 -32.10 9.35 -0.05
N ALA A 46 -31.15 9.83 0.75
CA ALA A 46 -31.24 9.79 2.20
C ALA A 46 -31.58 11.18 2.72
N ILE A 47 -32.36 11.24 3.79
CA ILE A 47 -32.87 12.51 4.31
C ILE A 47 -32.70 12.61 5.81
N LYS A 48 -32.01 13.65 6.28
CA LYS A 48 -31.97 13.96 7.72
C LYS A 48 -32.81 15.18 8.02
N THR A 49 -33.52 15.13 9.15
CA THR A 49 -34.37 16.23 9.60
C THR A 49 -33.88 16.78 10.93
N LEU A 50 -33.88 18.10 11.07
CA LEU A 50 -33.68 18.71 12.38
C LEU A 50 -35.03 19.01 13.02
N LYS A 51 -35.23 18.51 14.25
CA LYS A 51 -36.45 18.75 15.01
C LYS A 51 -36.47 20.19 15.56
N PRO A 52 -37.55 20.95 15.27
CA PRO A 52 -37.58 22.36 15.66
C PRO A 52 -37.87 22.53 17.15
N MET A 55 -34.45 21.26 19.93
CA MET A 55 -33.19 20.63 19.53
C MET A 55 -32.12 21.66 19.15
N SER A 56 -31.35 21.39 18.10
CA SER A 56 -30.22 22.25 17.71
C SER A 56 -30.62 23.59 17.08
N PRO A 57 -29.89 24.67 17.44
CA PRO A 57 -29.92 26.01 16.81
C PRO A 57 -29.76 26.02 15.28
N GLU A 58 -29.78 27.24 14.71
CA GLU A 58 -29.53 27.45 13.30
C GLU A 58 -28.02 27.47 12.97
N ALA A 59 -27.22 26.93 13.87
CA ALA A 59 -25.79 26.65 13.62
C ALA A 59 -25.66 25.32 12.88
N PHE A 60 -26.75 24.55 12.89
CA PHE A 60 -26.94 23.31 12.13
C PHE A 60 -26.59 23.48 10.65
N LEU A 61 -26.98 24.63 10.08
CA LEU A 61 -26.74 24.97 8.67
C LEU A 61 -25.28 25.36 8.37
N GLN A 62 -24.54 25.78 9.38
CA GLN A 62 -23.11 26.06 9.23
C GLN A 62 -22.32 24.77 8.94
N GLU A 63 -22.83 23.64 9.43
CA GLU A 63 -22.23 22.32 9.23
C GLU A 63 -22.49 21.76 7.83
N ALA A 64 -23.71 21.94 7.33
CA ALA A 64 -24.07 21.50 5.98
C ALA A 64 -23.50 22.43 4.92
N GLN A 65 -23.04 23.61 5.36
CA GLN A 65 -22.29 24.53 4.52
C GLN A 65 -20.92 23.93 4.18
N VAL A 66 -20.36 23.21 5.15
CA VAL A 66 -19.15 22.41 4.94
C VAL A 66 -19.41 21.34 3.89
N MET A 67 -20.54 20.65 4.03
CA MET A 67 -20.95 19.61 3.09
C MET A 67 -21.11 20.18 1.69
N LYS A 68 -21.45 21.47 1.61
CA LYS A 68 -21.46 22.18 0.33
C LYS A 68 -20.04 22.44 -0.21
N LYS A 69 -19.06 22.55 0.68
CA LYS A 69 -17.65 22.78 0.30
C LYS A 69 -16.90 21.48 -0.04
N LEU A 70 -17.05 20.46 0.81
CA LEU A 70 -16.37 19.18 0.62
C LEU A 70 -17.00 18.33 -0.48
N ARG A 71 -16.17 17.86 -1.40
CA ARG A 71 -16.62 17.03 -2.52
C ARG A 71 -15.57 15.96 -2.84
N HIS A 72 -15.94 14.69 -2.65
CA HIS A 72 -15.03 13.56 -2.90
C HIS A 72 -15.81 12.27 -3.07
N GLU A 73 -15.37 11.44 -4.03
CA GLU A 73 -16.01 10.16 -4.36
CA GLU A 73 -16.04 10.18 -4.36
C GLU A 73 -16.23 9.24 -3.14
N LYS A 74 -15.45 9.45 -2.09
CA LYS A 74 -15.52 8.59 -0.90
C LYS A 74 -16.05 9.34 0.32
N LEU A 75 -16.75 10.44 0.06
CA LEU A 75 -17.48 11.17 1.10
C LEU A 75 -18.91 11.22 0.64
N VAL A 76 -19.85 10.94 1.55
CA VAL A 76 -21.28 10.96 1.21
C VAL A 76 -21.65 12.35 0.66
N GLN A 77 -22.22 12.35 -0.54
CA GLN A 77 -22.41 13.58 -1.31
C GLN A 77 -23.72 14.29 -0.98
N LEU A 78 -23.62 15.53 -0.48
CA LEU A 78 -24.78 16.41 -0.37
C LEU A 78 -25.48 16.62 -1.71
N TYR A 79 -26.81 16.45 -1.70
CA TYR A 79 -27.62 16.67 -2.88
C TYR A 79 -28.41 17.99 -2.79
N ALA A 80 -29.01 18.25 -1.64
CA ALA A 80 -29.94 19.37 -1.48
C ALA A 80 -30.19 19.71 -0.02
N VAL A 81 -30.73 20.91 0.21
CA VAL A 81 -31.15 21.38 1.53
C VAL A 81 -32.53 22.07 1.51
N VAL A 82 -33.23 21.96 2.65
CA VAL A 82 -34.35 22.83 2.99
C VAL A 82 -33.89 23.57 4.25
N SER A 83 -33.41 24.80 4.07
CA SER A 83 -32.68 25.52 5.14
C SER A 83 -33.52 26.31 6.13
N GLU A 84 -34.79 26.55 5.81
CA GLU A 84 -35.73 27.12 6.78
C GLU A 84 -36.38 26.02 7.59
N GLU A 85 -36.59 26.27 8.88
CA GLU A 85 -37.18 25.27 9.77
C GLU A 85 -38.62 24.95 9.39
N PRO A 86 -39.03 23.67 9.52
CA PRO A 86 -38.21 22.51 9.88
C PRO A 86 -37.26 22.11 8.74
N ILE A 87 -35.99 22.00 9.09
CA ILE A 87 -34.90 21.77 8.14
C ILE A 87 -34.83 20.31 7.68
N TYR A 88 -34.49 20.11 6.41
CA TYR A 88 -34.25 18.79 5.83
C TYR A 88 -32.91 18.83 5.08
N ILE A 89 -32.10 17.78 5.24
CA ILE A 89 -30.84 17.65 4.49
C ILE A 89 -30.88 16.38 3.65
N VAL A 90 -30.51 16.51 2.39
CA VAL A 90 -30.63 15.43 1.43
C VAL A 90 -29.25 15.07 0.89
N THR A 91 -28.93 13.77 0.87
CA THR A 91 -27.67 13.31 0.30
C THR A 91 -27.91 12.09 -0.58
N GLU A 92 -26.86 11.63 -1.28
CA GLU A 92 -26.90 10.34 -1.96
C GLU A 92 -27.29 9.25 -0.96
N TYR A 93 -27.88 8.18 -1.47
CA TYR A 93 -28.35 7.07 -0.64
C TYR A 93 -27.33 5.92 -0.64
N MET A 94 -26.96 5.46 0.55
CA MET A 94 -26.01 4.35 0.67
C MET A 94 -26.76 3.07 1.04
N SER A 95 -27.02 2.23 0.04
CA SER A 95 -28.01 1.16 0.13
C SER A 95 -27.80 0.10 1.20
N LYS A 96 -26.60 0.04 1.77
CA LYS A 96 -26.23 -1.07 2.66
C LYS A 96 -26.08 -0.66 4.12
N GLY A 97 -26.38 0.60 4.43
CA GLY A 97 -26.29 1.08 5.81
C GLY A 97 -24.85 1.24 6.26
N SER A 98 -24.63 1.15 7.57
CA SER A 98 -23.29 1.33 8.11
C SER A 98 -22.43 0.11 7.83
N LEU A 99 -21.11 0.32 7.81
CA LEU A 99 -20.12 -0.73 7.64
C LEU A 99 -20.25 -1.75 8.76
N LEU A 100 -20.45 -1.24 9.97
CA LEU A 100 -20.64 -2.10 11.16
C LEU A 100 -21.77 -3.11 10.92
N ASP A 101 -22.96 -2.64 10.57
CA ASP A 101 -24.08 -3.54 10.25
C ASP A 101 -23.77 -4.48 9.09
N PHE A 102 -23.09 -3.96 8.07
CA PHE A 102 -22.72 -4.74 6.88
C PHE A 102 -21.82 -5.91 7.25
N LEU A 103 -20.75 -5.61 8.00
CA LEU A 103 -19.81 -6.61 8.49
C LEU A 103 -20.44 -7.66 9.38
N LYS A 104 -21.42 -7.25 10.22
CA LYS A 104 -22.05 -8.16 11.20
C LYS A 104 -23.14 -9.03 10.56
N GLY A 105 -23.74 -8.53 9.48
CA GLY A 105 -24.86 -9.21 8.83
C GLY A 105 -24.46 -10.31 7.88
N GLU A 106 -25.44 -10.69 7.06
CA GLU A 106 -25.36 -11.80 6.12
C GLU A 106 -24.10 -11.77 5.23
N MET A 107 -23.62 -10.57 4.88
CA MET A 107 -22.42 -10.46 4.01
C MET A 107 -21.10 -10.77 4.71
N GLY A 108 -21.07 -10.59 6.03
CA GLY A 108 -19.89 -10.84 6.85
C GLY A 108 -19.12 -12.08 6.46
N LYS A 109 -19.78 -13.23 6.49
CA LYS A 109 -19.07 -14.49 6.27
C LYS A 109 -18.49 -14.67 4.85
N TYR A 110 -18.93 -13.84 3.90
CA TYR A 110 -18.43 -13.95 2.52
C TYR A 110 -17.18 -13.07 2.25
N LEU A 111 -17.03 -12.01 3.04
CA LEU A 111 -15.91 -11.08 2.87
C LEU A 111 -14.59 -11.73 3.29
N ARG A 112 -13.58 -11.60 2.43
CA ARG A 112 -12.25 -12.07 2.78
C ARG A 112 -11.29 -10.90 2.76
N LEU A 113 -10.02 -11.16 3.06
CA LEU A 113 -9.03 -10.08 3.14
C LEU A 113 -9.00 -9.13 1.92
N PRO A 114 -9.05 -9.66 0.68
CA PRO A 114 -9.05 -8.75 -0.47
C PRO A 114 -10.18 -7.72 -0.49
N GLN A 115 -11.39 -8.13 -0.13
CA GLN A 115 -12.53 -7.20 -0.05
C GLN A 115 -12.35 -6.22 1.11
N LEU A 116 -11.90 -6.73 2.25
CA LEU A 116 -11.79 -5.90 3.47
C LEU A 116 -10.69 -4.85 3.34
N VAL A 117 -9.58 -5.22 2.71
CA VAL A 117 -8.46 -4.32 2.48
C VAL A 117 -8.85 -3.29 1.42
N ASP A 118 -9.63 -3.69 0.41
CA ASP A 118 -10.13 -2.70 -0.55
C ASP A 118 -11.06 -1.66 0.10
N MET A 119 -11.93 -2.14 0.98
CA MET A 119 -12.82 -1.25 1.74
C MET A 119 -11.99 -0.28 2.61
N ALA A 120 -10.95 -0.79 3.26
CA ALA A 120 -10.05 0.04 4.05
C ALA A 120 -9.36 1.09 3.18
N ALA A 121 -8.93 0.69 1.96
CA ALA A 121 -8.32 1.61 1.00
C ALA A 121 -9.25 2.78 0.60
N GLN A 122 -10.52 2.48 0.42
CA GLN A 122 -11.54 3.48 0.11
C GLN A 122 -11.72 4.46 1.25
N ILE A 123 -11.84 3.93 2.46
CA ILE A 123 -12.00 4.75 3.65
C ILE A 123 -10.74 5.64 3.81
N ALA A 124 -9.56 5.06 3.61
CA ALA A 124 -8.29 5.81 3.64
C ALA A 124 -8.26 6.92 2.61
N SER A 125 -8.80 6.66 1.42
CA SER A 125 -8.84 7.66 0.35
C SER A 125 -9.76 8.83 0.73
N GLY A 126 -10.92 8.51 1.32
CA GLY A 126 -11.82 9.54 1.85
C GLY A 126 -11.14 10.34 2.94
N MET A 127 -10.48 9.65 3.85
CA MET A 127 -9.76 10.33 4.92
C MET A 127 -8.51 11.10 4.46
N ALA A 128 -7.91 10.68 3.34
CA ALA A 128 -6.80 11.42 2.74
C ALA A 128 -7.29 12.77 2.20
N TYR A 129 -8.50 12.79 1.67
CA TYR A 129 -9.12 14.04 1.23
C TYR A 129 -9.38 14.97 2.43
N VAL A 130 -9.93 14.43 3.50
CA VAL A 130 -10.15 15.16 4.75
C VAL A 130 -8.84 15.76 5.28
N GLU A 131 -7.79 14.94 5.27
CA GLU A 131 -6.44 15.32 5.64
C GLU A 131 -5.92 16.49 4.82
N ARG A 132 -5.98 16.40 3.50
CA ARG A 132 -5.44 17.47 2.68
C ARG A 132 -6.28 18.76 2.67
N MET A 133 -7.55 18.64 3.07
CA MET A 133 -8.43 19.80 3.25
C MET A 133 -8.32 20.43 4.64
N ASN A 134 -7.44 19.85 5.47
CA ASN A 134 -7.26 20.28 6.86
C ASN A 134 -8.49 20.14 7.77
N TYR A 135 -9.26 19.10 7.55
CA TYR A 135 -10.33 18.76 8.50
C TYR A 135 -9.93 17.64 9.45
N VAL A 136 -10.72 17.49 10.50
CA VAL A 136 -10.57 16.42 11.49
C VAL A 136 -11.95 15.78 11.62
N HIS A 137 -12.00 14.45 11.54
CA HIS A 137 -13.27 13.72 11.60
C HIS A 137 -13.77 13.63 13.04
N ARG A 138 -12.92 13.15 13.93
CA ARG A 138 -13.20 13.02 15.39
C ARG A 138 -13.97 11.77 15.81
N ASP A 139 -14.67 11.12 14.88
CA ASP A 139 -15.39 9.88 15.24
C ASP A 139 -15.33 8.83 14.12
N LEU A 140 -14.12 8.59 13.61
CA LEU A 140 -13.90 7.58 12.60
C LEU A 140 -14.01 6.17 13.21
N ARG A 141 -14.94 5.37 12.68
CA ARG A 141 -15.16 3.98 13.09
C ARG A 141 -16.23 3.38 12.19
N ALA A 142 -16.37 2.06 12.21
CA ALA A 142 -17.24 1.35 11.26
C ALA A 142 -18.71 1.77 11.33
N ALA A 143 -19.19 2.15 12.52
CA ALA A 143 -20.58 2.60 12.68
C ALA A 143 -20.88 3.88 11.88
N ASN A 144 -19.83 4.63 11.57
CA ASN A 144 -19.98 5.92 10.91
C ASN A 144 -19.50 5.90 9.46
N ILE A 145 -19.16 4.71 8.95
CA ILE A 145 -18.87 4.52 7.52
C ILE A 145 -20.12 3.94 6.88
N LEU A 146 -20.45 4.41 5.67
CA LEU A 146 -21.61 3.94 4.92
C LEU A 146 -21.20 3.10 3.72
N VAL A 147 -22.01 2.09 3.41
CA VAL A 147 -21.70 1.14 2.35
C VAL A 147 -22.82 1.15 1.32
N GLY A 148 -22.44 1.08 0.05
CA GLY A 148 -23.38 1.04 -1.05
C GLY A 148 -23.19 -0.24 -1.85
N GLU A 149 -23.65 -0.21 -3.10
CA GLU A 149 -23.47 -1.33 -4.03
C GLU A 149 -21.99 -1.50 -4.37
N ASN A 150 -21.63 -2.70 -4.83
CA ASN A 150 -20.27 -2.98 -5.29
C ASN A 150 -19.19 -2.69 -4.25
N LEU A 151 -19.53 -2.86 -2.97
CA LEU A 151 -18.63 -2.67 -1.84
C LEU A 151 -18.08 -1.26 -1.68
N VAL A 152 -18.74 -0.28 -2.28
CA VAL A 152 -18.35 1.11 -2.12
C VAL A 152 -18.51 1.56 -0.67
N CYS A 153 -17.47 2.17 -0.11
CA CYS A 153 -17.51 2.67 1.27
C CYS A 153 -17.25 4.17 1.29
N LYS A 154 -18.01 4.89 2.10
CA LYS A 154 -17.79 6.33 2.22
C LYS A 154 -17.80 6.83 3.66
N VAL A 155 -16.96 7.83 3.91
CA VAL A 155 -17.03 8.62 5.12
C VAL A 155 -18.33 9.44 5.10
N ALA A 156 -18.96 9.60 6.26
CA ALA A 156 -20.26 10.29 6.33
C ALA A 156 -20.13 11.78 6.69
N ASP A 157 -21.24 12.36 7.16
CA ASP A 157 -21.28 13.78 7.56
C ASP A 157 -20.64 13.96 8.94
N PHE A 158 -19.30 13.98 8.97
CA PHE A 158 -18.58 13.94 10.24
C PHE A 158 -18.73 15.21 11.07
N GLY A 159 -18.87 16.35 10.40
CA GLY A 159 -19.03 17.64 11.07
C GLY A 159 -20.41 17.76 11.66
N LEU A 160 -21.43 17.53 10.82
CA LEU A 160 -22.83 17.54 11.24
C LEU A 160 -23.10 16.51 12.34
N ALA A 161 -22.52 15.31 12.20
CA ALA A 161 -22.69 14.25 13.20
C ALA A 161 -22.05 14.65 14.53
N ARG A 162 -20.90 15.33 14.44
CA ARG A 162 -20.20 15.82 15.64
C ARG A 162 -21.03 16.88 16.37
N LEU A 163 -21.67 17.78 15.61
CA LEU A 163 -22.56 18.80 16.19
C LEU A 163 -23.78 18.17 16.88
N ILE A 164 -24.43 17.22 16.21
CA ILE A 164 -25.57 16.48 16.77
C ILE A 164 -25.20 15.68 18.03
N GLU A 165 -23.98 15.14 18.06
CA GLU A 165 -23.49 14.34 19.20
C GLU A 165 -23.20 15.15 20.46
N ASP A 166 -23.01 16.46 20.31
CA ASP A 166 -22.83 17.37 21.45
C ASP A 166 -24.15 17.65 22.14
N PHE A 177 -19.93 6.96 24.68
CA PHE A 177 -18.60 7.54 24.55
C PHE A 177 -17.66 6.56 23.84
N PRO A 178 -17.07 6.97 22.69
CA PRO A 178 -16.36 6.01 21.88
C PRO A 178 -14.86 6.01 22.19
N ILE A 179 -14.50 5.84 23.47
CA ILE A 179 -13.08 5.93 23.84
C ILE A 179 -12.24 4.75 23.35
N LYS A 180 -12.88 3.60 23.09
CA LYS A 180 -12.18 2.47 22.46
C LYS A 180 -11.65 2.78 21.06
N TRP A 181 -12.22 3.77 20.39
CA TRP A 181 -11.76 4.18 19.06
C TRP A 181 -10.93 5.47 19.10
N THR A 182 -10.84 6.08 20.28
CA THR A 182 -10.26 7.42 20.43
C THR A 182 -8.81 7.34 20.91
N ALA A 183 -7.92 8.03 20.20
CA ALA A 183 -6.50 8.12 20.61
C ALA A 183 -6.36 8.67 22.04
N PRO A 184 -5.38 8.14 22.81
CA PRO A 184 -5.22 8.55 24.21
C PRO A 184 -5.08 10.06 24.38
N GLU A 185 -4.32 10.73 23.52
CA GLU A 185 -4.13 12.18 23.66
C GLU A 185 -5.42 12.99 23.41
N ALA A 186 -6.25 12.50 22.49
CA ALA A 186 -7.55 13.11 22.26
C ALA A 186 -8.51 12.85 23.44
N ALA A 187 -8.55 11.60 23.91
CA ALA A 187 -9.44 11.21 25.01
C ALA A 187 -9.07 11.83 26.36
N LEU A 188 -7.77 12.06 26.57
CA LEU A 188 -7.28 12.58 27.85
C LEU A 188 -7.14 14.10 27.84
N TYR A 189 -6.58 14.66 26.77
CA TYR A 189 -6.20 16.07 26.73
C TYR A 189 -6.90 16.87 25.63
N GLY A 190 -7.93 16.29 25.02
CA GLY A 190 -8.70 16.98 23.99
C GLY A 190 -7.98 17.31 22.69
N ARG A 191 -6.79 16.75 22.48
CA ARG A 191 -6.03 17.00 21.24
C ARG A 191 -6.55 16.11 20.11
N PHE A 192 -7.67 16.52 19.51
CA PHE A 192 -8.22 15.87 18.34
C PHE A 192 -7.55 16.42 17.08
N THR A 193 -6.78 15.58 16.38
CA THR A 193 -6.09 15.97 15.15
C THR A 193 -6.35 14.93 14.05
N ILE A 194 -5.89 15.22 12.83
CA ILE A 194 -5.88 14.21 11.78
C ILE A 194 -5.13 12.95 12.26
N LYS A 195 -4.19 13.12 13.18
CA LYS A 195 -3.39 12.00 13.71
C LYS A 195 -4.16 11.13 14.67
N SER A 196 -5.05 11.74 15.46
CA SER A 196 -5.94 10.96 16.32
C SER A 196 -7.00 10.25 15.45
N ASP A 197 -7.34 10.84 14.31
CA ASP A 197 -8.15 10.13 13.30
C ASP A 197 -7.41 8.86 12.78
N VAL A 198 -6.09 8.95 12.62
CA VAL A 198 -5.26 7.83 12.15
C VAL A 198 -5.31 6.71 13.17
N TRP A 199 -5.20 7.07 14.46
CA TRP A 199 -5.40 6.10 15.54
C TRP A 199 -6.75 5.35 15.39
N SER A 200 -7.82 6.11 15.16
CA SER A 200 -9.17 5.55 15.01
C SER A 200 -9.24 4.61 13.81
N PHE A 201 -8.53 4.97 12.74
CA PHE A 201 -8.45 4.15 11.53
C PHE A 201 -7.80 2.78 11.80
N GLY A 202 -6.76 2.77 12.64
CA GLY A 202 -6.17 1.51 13.10
C GLY A 202 -7.16 0.61 13.83
N ILE A 203 -8.01 1.20 14.67
CA ILE A 203 -9.07 0.48 15.37
C ILE A 203 -10.13 -0.03 14.37
N LEU A 204 -10.44 0.80 13.40
CA LEU A 204 -11.37 0.43 12.33
C LEU A 204 -10.82 -0.79 11.55
N LEU A 205 -9.50 -0.84 11.34
CA LEU A 205 -8.88 -2.03 10.73
C LEU A 205 -9.17 -3.33 11.46
N THR A 206 -9.26 -3.29 12.81
CA THR A 206 -9.58 -4.48 13.60
C THR A 206 -11.07 -4.81 13.44
N GLU A 207 -11.91 -3.78 13.31
CA GLU A 207 -13.31 -4.00 13.02
C GLU A 207 -13.45 -4.76 11.70
N LEU A 208 -12.71 -4.33 10.68
CA LEU A 208 -12.76 -5.01 9.37
C LEU A 208 -12.33 -6.47 9.47
N THR A 209 -11.17 -6.69 10.10
CA THR A 209 -10.58 -8.03 10.12
C THR A 209 -11.26 -9.00 11.11
N THR A 210 -12.11 -8.47 12.02
CA THR A 210 -12.89 -9.33 12.92
C THR A 210 -14.35 -9.37 12.48
N LYS A 211 -14.65 -8.74 11.35
CA LYS A 211 -16.02 -8.62 10.84
C LYS A 211 -16.96 -7.98 11.87
N GLY A 212 -16.52 -6.85 12.42
CA GLY A 212 -17.41 -5.98 13.19
C GLY A 212 -17.42 -6.19 14.69
N ARG A 213 -16.52 -7.00 15.22
CA ARG A 213 -16.45 -7.20 16.66
C ARG A 213 -16.01 -5.92 17.37
N VAL A 214 -16.50 -5.76 18.59
CA VAL A 214 -16.12 -4.61 19.42
C VAL A 214 -14.66 -4.75 19.79
N PRO A 215 -13.87 -3.67 19.63
CA PRO A 215 -12.44 -3.73 19.99
C PRO A 215 -12.19 -3.98 21.49
N TYR A 216 -10.97 -4.37 21.85
CA TYR A 216 -10.61 -4.76 23.22
C TYR A 216 -11.70 -5.64 23.86
N PRO A 217 -11.98 -6.81 23.28
CA PRO A 217 -13.08 -7.64 23.79
C PRO A 217 -12.93 -7.97 25.29
N GLY A 218 -14.03 -7.84 26.03
CA GLY A 218 -14.05 -8.13 27.47
C GLY A 218 -13.50 -7.04 28.37
N MET A 219 -12.97 -5.97 27.77
CA MET A 219 -12.47 -4.83 28.55
C MET A 219 -13.47 -3.69 28.64
N VAL A 220 -13.67 -3.17 29.84
CA VAL A 220 -14.51 -1.99 30.02
C VAL A 220 -13.71 -0.74 29.64
N ASN A 221 -14.41 0.38 29.43
CA ASN A 221 -13.75 1.65 29.07
C ASN A 221 -12.54 2.01 29.93
N ARG A 222 -12.70 1.92 31.26
CA ARG A 222 -11.65 2.25 32.22
C ARG A 222 -10.42 1.34 32.10
N GLU A 223 -10.65 0.05 31.87
CA GLU A 223 -9.55 -0.90 31.62
C GLU A 223 -8.74 -0.53 30.39
N VAL A 224 -9.46 -0.21 29.29
CA VAL A 224 -8.87 0.18 28.01
C VAL A 224 -7.96 1.40 28.14
N LEU A 225 -8.46 2.43 28.83
CA LEU A 225 -7.68 3.64 29.08
C LEU A 225 -6.39 3.37 29.85
N ASP A 226 -6.50 2.63 30.96
CA ASP A 226 -5.35 2.30 31.82
C ASP A 226 -4.33 1.45 31.06
N GLN A 227 -4.81 0.46 30.31
CA GLN A 227 -3.94 -0.48 29.59
C GLN A 227 -3.22 0.16 28.42
N VAL A 228 -3.96 0.93 27.62
CA VAL A 228 -3.40 1.59 26.44
C VAL A 228 -2.30 2.58 26.86
N GLU A 229 -2.51 3.20 28.02
CA GLU A 229 -1.52 4.10 28.65
C GLU A 229 -0.21 3.39 28.94
N ARG A 230 -0.31 2.20 29.53
CA ARG A 230 0.83 1.34 29.81
C ARG A 230 1.50 0.72 28.56
N GLY A 231 0.90 0.90 27.39
CA GLY A 231 1.50 0.44 26.14
C GLY A 231 0.85 -0.79 25.53
N TYR A 232 -0.20 -1.28 26.16
CA TYR A 232 -0.99 -2.36 25.58
C TYR A 232 -1.61 -1.93 24.24
N ARG A 233 -1.55 -2.86 23.27
CA ARG A 233 -2.18 -2.71 21.97
C ARG A 233 -2.83 -4.06 21.66
N MET A 234 -3.96 -4.05 20.95
CA MET A 234 -4.63 -5.30 20.55
C MET A 234 -3.66 -6.17 19.75
N PRO A 235 -3.71 -7.50 19.96
CA PRO A 235 -2.85 -8.43 19.24
C PRO A 235 -3.37 -8.66 17.81
N CYS A 236 -2.55 -9.30 16.99
CA CYS A 236 -2.95 -9.70 15.63
C CYS A 236 -4.24 -10.55 15.64
N PRO A 237 -5.33 -10.04 15.03
CA PRO A 237 -6.56 -10.85 14.91
C PRO A 237 -6.33 -12.20 14.20
N PRO A 238 -7.10 -13.24 14.54
CA PRO A 238 -6.89 -14.55 13.89
C PRO A 238 -7.00 -14.48 12.36
N GLU A 239 -6.05 -15.14 11.68
CA GLU A 239 -5.92 -15.18 10.22
C GLU A 239 -5.53 -13.83 9.58
N CYS A 240 -5.41 -12.78 10.39
CA CYS A 240 -4.93 -11.50 9.85
C CYS A 240 -3.41 -11.57 9.69
N PRO A 241 -2.87 -11.23 8.50
CA PRO A 241 -1.41 -11.27 8.33
C PRO A 241 -0.72 -10.30 9.27
N GLU A 242 0.47 -10.68 9.75
CA GLU A 242 1.23 -9.84 10.68
C GLU A 242 1.51 -8.46 10.07
N SER A 243 1.71 -8.42 8.75
CA SER A 243 1.97 -7.16 8.07
C SER A 243 0.83 -6.15 8.20
N LEU A 244 -0.41 -6.62 8.30
CA LEU A 244 -1.55 -5.70 8.45
C LEU A 244 -1.67 -5.27 9.91
N HIS A 245 -1.40 -6.19 10.84
CA HIS A 245 -1.34 -5.84 12.25
C HIS A 245 -0.22 -4.84 12.53
N ASP A 246 0.89 -4.96 11.81
CA ASP A 246 1.98 -3.98 11.89
CA ASP A 246 1.97 -3.98 11.93
C ASP A 246 1.49 -2.60 11.48
N LEU A 247 0.72 -2.55 10.39
CA LEU A 247 0.11 -1.29 9.95
C LEU A 247 -0.78 -0.68 11.03
N MET A 248 -1.59 -1.52 11.68
CA MET A 248 -2.42 -1.07 12.81
C MET A 248 -1.51 -0.48 13.90
N CYS A 249 -0.41 -1.16 14.21
CA CYS A 249 0.56 -0.71 15.22
C CYS A 249 1.22 0.63 14.88
N GLN A 250 1.46 0.88 13.61
CA GLN A 250 1.90 2.19 13.17
C GLN A 250 0.87 3.28 13.51
N CYS A 251 -0.41 2.96 13.28
CA CYS A 251 -1.52 3.86 13.56
C CYS A 251 -1.68 4.09 15.05
N TRP A 252 -1.28 3.10 15.85
CA TRP A 252 -1.39 3.22 17.30
C TRP A 252 -0.09 3.67 18.00
N ARG A 253 0.78 4.40 17.30
CA ARG A 253 2.00 4.92 17.92
C ARG A 253 1.66 5.98 18.98
N LYS A 254 2.35 5.91 20.12
CA LYS A 254 2.15 6.87 21.22
C LYS A 254 2.31 8.32 20.76
N ASP A 255 3.35 8.63 19.99
CA ASP A 255 3.53 9.97 19.43
C ASP A 255 2.71 10.14 18.15
N PRO A 256 1.73 11.07 18.17
CA PRO A 256 0.85 11.29 17.03
C PRO A 256 1.61 11.61 15.74
N GLU A 257 2.68 12.41 15.82
CA GLU A 257 3.42 12.78 14.62
C GLU A 257 4.19 11.63 13.97
N GLU A 258 4.34 10.52 14.70
CA GLU A 258 4.99 9.31 14.17
C GLU A 258 4.01 8.41 13.39
N ARG A 259 2.72 8.57 13.65
CA ARG A 259 1.69 7.82 12.92
C ARG A 259 1.74 8.21 11.45
N PRO A 260 1.49 7.24 10.54
CA PRO A 260 1.49 7.54 9.11
C PRO A 260 0.38 8.51 8.69
N THR A 261 0.52 9.12 7.52
CA THR A 261 -0.54 9.92 6.96
C THR A 261 -1.60 8.99 6.34
N PHE A 262 -2.77 9.54 6.04
CA PHE A 262 -3.79 8.80 5.32
C PHE A 262 -3.38 8.59 3.87
N GLU A 263 -2.58 9.51 3.35
CA GLU A 263 -2.02 9.37 2.01
C GLU A 263 -1.14 8.12 1.94
N TYR A 264 -0.34 7.89 2.98
CA TYR A 264 0.47 6.68 3.08
C TYR A 264 -0.41 5.41 3.27
N LEU A 265 -1.42 5.50 4.13
CA LEU A 265 -2.33 4.36 4.39
C LEU A 265 -3.06 3.92 3.13
N GLN A 266 -3.59 4.88 2.37
CA GLN A 266 -4.26 4.60 1.12
C GLN A 266 -3.34 3.83 0.15
N ALA A 267 -2.11 4.33 -0.02
CA ALA A 267 -1.18 3.76 -0.99
C ALA A 267 -0.80 2.35 -0.59
N PHE A 268 -0.52 2.16 0.70
CA PHE A 268 -0.15 0.87 1.27
C PHE A 268 -1.27 -0.15 1.06
N LEU A 269 -2.51 0.29 1.31
CA LEU A 269 -3.66 -0.63 1.24
C LEU A 269 -4.01 -0.96 -0.20
N GLU A 270 -3.93 0.04 -1.08
CA GLU A 270 -4.17 -0.17 -2.51
C GLU A 270 -3.17 -1.17 -3.12
N ASP A 271 -1.91 -1.13 -2.67
CA ASP A 271 -0.84 -1.95 -3.25
C ASP A 271 -0.60 -3.25 -2.48
N TYR A 272 -1.42 -3.49 -1.46
CA TYR A 272 -1.14 -4.51 -0.46
C TYR A 272 -0.87 -5.92 -0.98
N PHE A 273 -1.66 -6.38 -1.95
CA PHE A 273 -1.57 -7.77 -2.38
C PHE A 273 -0.48 -8.01 -3.41
N THR A 274 0.15 -6.94 -3.88
CA THR A 274 1.34 -7.07 -4.74
C THR A 274 2.64 -6.77 -3.98
N SER A 275 2.68 -5.63 -3.30
CA SER A 275 3.89 -5.15 -2.61
C SER A 275 4.11 -5.77 -1.23
N THR A 276 3.03 -6.12 -0.53
CA THR A 276 3.14 -6.53 0.86
C THR A 276 2.79 -8.00 1.11
N GLU A 277 1.70 -8.50 0.53
CA GLU A 277 1.38 -9.92 0.69
C GLU A 277 1.18 -10.62 -0.65
N PRO A 278 2.23 -10.68 -1.49
CA PRO A 278 2.07 -11.30 -2.80
C PRO A 278 1.77 -12.81 -2.72
N GLN A 279 2.01 -13.44 -1.57
CA GLN A 279 1.76 -14.86 -1.41
C GLN A 279 0.52 -15.16 -0.56
N TYR A 280 -0.37 -14.16 -0.40
CA TYR A 280 -1.65 -14.34 0.30
C TYR A 280 -2.44 -15.54 -0.26
N GLN A 281 -2.90 -16.40 0.63
CA GLN A 281 -3.84 -17.49 0.25
C GLN A 281 -5.09 -17.38 1.11
N PRO A 282 -6.28 -17.50 0.51
CA PRO A 282 -7.54 -17.46 1.25
C PRO A 282 -7.60 -18.50 2.34
N GLY A 283 -8.23 -18.16 3.47
CA GLY A 283 -8.41 -19.10 4.58
C GLY A 283 -9.88 -19.28 4.87
N GLU A 284 -10.20 -19.76 6.07
CA GLU A 284 -11.59 -19.98 6.49
C GLU A 284 -12.38 -18.68 6.61
N ASN A 285 -11.74 -17.63 7.15
CA ASN A 285 -12.47 -16.39 7.41
C ASN A 285 -11.92 -15.15 6.72
N LEU A 286 -10.60 -15.12 6.53
CA LEU A 286 -9.93 -13.99 5.86
C LEU A 286 -9.12 -14.46 4.66
N ALA B 9 29.48 -35.49 -4.77
CA ALA B 9 30.83 -34.87 -4.85
C ALA B 9 30.77 -33.33 -4.82
N LYS B 10 31.11 -32.77 -3.67
CA LYS B 10 31.01 -31.34 -3.39
C LYS B 10 32.04 -30.50 -4.14
N ASP B 11 31.73 -29.21 -4.34
CA ASP B 11 32.73 -28.26 -4.86
C ASP B 11 33.26 -27.38 -3.74
N ALA B 12 34.15 -26.45 -4.07
CA ALA B 12 34.80 -25.60 -3.07
C ALA B 12 33.95 -24.43 -2.53
N TRP B 13 32.69 -24.33 -2.96
CA TRP B 13 31.75 -23.39 -2.34
C TRP B 13 31.12 -24.00 -1.07
N GLU B 14 31.12 -25.33 -0.99
CA GLU B 14 30.61 -26.06 0.18
C GLU B 14 31.26 -25.61 1.48
N ILE B 15 30.44 -25.54 2.53
CA ILE B 15 30.93 -25.28 3.88
C ILE B 15 30.32 -26.28 4.87
N PRO B 16 30.96 -26.45 6.05
CA PRO B 16 30.27 -27.17 7.10
C PRO B 16 29.15 -26.31 7.69
N ARG B 17 28.04 -26.94 8.03
CA ARG B 17 26.86 -26.28 8.57
C ARG B 17 27.10 -25.59 9.92
N GLU B 18 27.99 -26.16 10.73
CA GLU B 18 28.29 -25.59 12.05
C GLU B 18 29.20 -24.36 12.04
N SER B 19 29.74 -24.01 10.86
CA SER B 19 30.48 -22.76 10.70
C SER B 19 29.50 -21.58 10.57
N LEU B 20 28.22 -21.90 10.48
CA LEU B 20 27.14 -20.92 10.43
C LEU B 20 26.43 -20.77 11.78
N ARG B 21 26.09 -19.54 12.12
CA ARG B 21 25.25 -19.26 13.29
C ARG B 21 24.05 -18.41 12.87
N LEU B 22 22.92 -19.08 12.60
CA LEU B 22 21.64 -18.40 12.31
C LEU B 22 21.13 -17.68 13.56
N GLU B 23 20.86 -16.38 13.44
CA GLU B 23 20.54 -15.56 14.62
C GLU B 23 19.15 -14.92 14.61
N VAL B 24 18.95 -13.94 13.72
CA VAL B 24 17.68 -13.21 13.62
C VAL B 24 16.96 -13.61 12.34
N LYS B 25 15.71 -14.05 12.48
CA LYS B 25 14.86 -14.37 11.33
C LYS B 25 14.32 -13.06 10.74
N LEU B 26 14.30 -12.99 9.41
CA LEU B 26 13.94 -11.75 8.72
C LEU B 26 12.99 -11.92 7.54
N GLY B 27 12.69 -13.17 7.19
CA GLY B 27 11.85 -13.44 6.02
C GLY B 27 11.21 -14.82 5.99
N GLN B 28 10.17 -14.93 5.16
CA GLN B 28 9.41 -16.16 4.98
C GLN B 28 8.99 -16.33 3.52
N GLY B 29 8.41 -17.48 3.19
CA GLY B 29 7.95 -17.75 1.83
C GLY B 29 7.57 -19.20 1.62
N PHE B 31 9.38 -20.82 -0.56
CA PHE B 31 10.58 -21.64 -0.71
C PHE B 31 11.22 -21.98 0.64
N GLY B 32 11.00 -21.12 1.64
CA GLY B 32 11.58 -21.31 2.97
C GLY B 32 11.74 -20.01 3.74
N GLU B 33 12.95 -19.76 4.22
CA GLU B 33 13.22 -18.60 5.09
C GLU B 33 14.42 -17.76 4.66
N VAL B 34 14.61 -16.64 5.35
CA VAL B 34 15.80 -15.80 5.21
C VAL B 34 16.23 -15.37 6.61
N TRP B 35 17.48 -15.69 6.95
CA TRP B 35 18.03 -15.35 8.25
C TRP B 35 19.24 -14.46 8.13
N MET B 36 19.43 -13.60 9.12
CA MET B 36 20.70 -12.97 9.36
C MET B 36 21.51 -13.92 10.25
N GLY B 37 22.80 -14.07 9.94
CA GLY B 37 23.65 -14.96 10.71
C GLY B 37 25.11 -14.52 10.77
N THR B 38 25.92 -15.33 11.44
CA THR B 38 27.37 -15.14 11.44
C THR B 38 28.06 -16.38 10.86
N TRP B 39 29.12 -16.15 10.09
CA TRP B 39 29.87 -17.22 9.43
C TRP B 39 31.31 -17.23 9.94
N ASN B 40 31.79 -18.42 10.30
CA ASN B 40 33.12 -18.62 10.92
C ASN B 40 33.35 -17.69 12.11
N GLY B 41 32.27 -17.41 12.85
CA GLY B 41 32.32 -16.59 14.05
C GLY B 41 32.69 -15.12 13.89
N THR B 42 32.98 -14.68 12.67
CA THR B 42 33.46 -13.30 12.45
C THR B 42 32.70 -12.51 11.38
N THR B 43 32.11 -13.22 10.41
CA THR B 43 31.52 -12.58 9.24
C THR B 43 30.00 -12.54 9.30
N ARG B 44 29.44 -11.34 9.17
CA ARG B 44 28.00 -11.13 9.07
C ARG B 44 27.47 -11.62 7.70
N VAL B 45 26.43 -12.46 7.73
CA VAL B 45 25.90 -13.06 6.51
C VAL B 45 24.38 -13.08 6.45
N ALA B 46 23.86 -13.23 5.24
CA ALA B 46 22.46 -13.57 5.04
C ALA B 46 22.38 -15.04 4.62
N ILE B 47 21.42 -15.75 5.20
CA ILE B 47 21.28 -17.18 4.96
C ILE B 47 19.88 -17.51 4.45
N LYS B 48 19.79 -18.03 3.25
CA LYS B 48 18.52 -18.39 2.64
C LYS B 48 18.26 -19.89 2.78
N THR B 49 17.17 -20.21 3.50
CA THR B 49 16.79 -21.58 3.85
C THR B 49 15.77 -22.16 2.87
N LEU B 50 15.85 -23.47 2.66
CA LEU B 50 14.80 -24.24 1.98
C LEU B 50 14.02 -25.00 3.06
N LYS B 51 12.69 -24.91 3.01
CA LYS B 51 11.84 -25.72 3.89
C LYS B 51 11.83 -27.16 3.37
N PRO B 52 12.38 -28.10 4.16
CA PRO B 52 12.63 -29.49 3.73
C PRO B 52 11.41 -30.18 3.12
N GLY B 53 11.26 -30.06 1.80
CA GLY B 53 10.16 -30.71 1.08
C GLY B 53 9.37 -29.79 0.19
N THR B 54 9.28 -28.51 0.55
CA THR B 54 8.45 -27.54 -0.19
C THR B 54 8.91 -27.30 -1.63
N MET B 55 10.20 -27.45 -1.87
CA MET B 55 10.80 -27.21 -3.18
C MET B 55 11.88 -28.25 -3.46
N SER B 56 12.03 -28.59 -4.74
CA SER B 56 13.08 -29.50 -5.20
C SER B 56 14.45 -28.93 -4.84
N PRO B 57 15.32 -29.75 -4.21
CA PRO B 57 16.64 -29.30 -3.75
C PRO B 57 17.55 -28.81 -4.89
N GLU B 58 17.42 -29.42 -6.06
CA GLU B 58 18.17 -28.99 -7.24
C GLU B 58 17.63 -27.66 -7.80
N ALA B 59 16.31 -27.48 -7.73
CA ALA B 59 15.66 -26.26 -8.20
C ALA B 59 16.00 -25.07 -7.30
N PHE B 60 16.09 -25.32 -6.00
CA PHE B 60 16.48 -24.31 -5.01
C PHE B 60 17.94 -23.88 -5.20
N LEU B 61 18.80 -24.85 -5.53
CA LEU B 61 20.24 -24.61 -5.63
C LEU B 61 20.70 -24.12 -7.00
N GLN B 62 19.78 -24.12 -7.97
CA GLN B 62 20.08 -23.56 -9.29
C GLN B 62 20.42 -22.08 -9.19
N GLU B 63 19.83 -21.40 -8.20
CA GLU B 63 20.10 -19.98 -7.93
C GLU B 63 21.56 -19.77 -7.55
N ALA B 64 22.06 -20.62 -6.66
CA ALA B 64 23.47 -20.61 -6.28
C ALA B 64 24.38 -20.95 -7.47
N GLN B 65 23.98 -21.93 -8.30
CA GLN B 65 24.75 -22.30 -9.51
C GLN B 65 25.05 -21.10 -10.39
N VAL B 66 24.02 -20.28 -10.63
CA VAL B 66 24.17 -19.05 -11.41
C VAL B 66 25.08 -18.05 -10.67
N MET B 67 24.88 -17.92 -9.36
CA MET B 67 25.60 -16.96 -8.54
C MET B 67 27.10 -17.29 -8.39
N LYS B 68 27.44 -18.56 -8.63
CA LYS B 68 28.84 -18.99 -8.57
C LYS B 68 29.65 -18.35 -9.70
N LYS B 69 29.02 -18.24 -10.86
CA LYS B 69 29.64 -17.67 -12.06
C LYS B 69 29.71 -16.13 -12.07
N LEU B 70 28.89 -15.48 -11.26
CA LEU B 70 28.75 -14.03 -11.33
C LEU B 70 29.42 -13.34 -10.15
N ARG B 71 30.20 -12.31 -10.45
CA ARG B 71 30.94 -11.56 -9.44
C ARG B 71 31.04 -10.10 -9.83
N HIS B 72 30.24 -9.27 -9.16
CA HIS B 72 30.24 -7.85 -9.43
C HIS B 72 29.82 -7.11 -8.16
N GLU B 73 30.36 -5.92 -7.95
CA GLU B 73 30.06 -5.16 -6.74
C GLU B 73 28.59 -4.77 -6.62
N LYS B 74 27.84 -4.81 -7.72
CA LYS B 74 26.39 -4.47 -7.68
C LYS B 74 25.45 -5.67 -7.83
N LEU B 75 25.99 -6.87 -7.63
CA LEU B 75 25.18 -8.08 -7.48
C LEU B 75 25.50 -8.65 -6.13
N VAL B 76 24.46 -9.07 -5.42
CA VAL B 76 24.61 -9.69 -4.10
C VAL B 76 25.54 -10.90 -4.23
N GLN B 77 26.62 -10.90 -3.45
CA GLN B 77 27.68 -11.88 -3.61
C GLN B 77 27.43 -13.19 -2.86
N LEU B 78 27.48 -14.31 -3.59
CA LEU B 78 27.49 -15.63 -2.97
C LEU B 78 28.76 -15.82 -2.13
N TYR B 79 28.59 -16.40 -0.94
CA TYR B 79 29.69 -16.72 -0.04
C TYR B 79 29.88 -18.22 0.07
N ALA B 80 28.77 -18.95 0.18
CA ALA B 80 28.82 -20.37 0.50
C ALA B 80 27.50 -21.06 0.25
N VAL B 81 27.58 -22.38 0.08
CA VAL B 81 26.42 -23.25 -0.03
C VAL B 81 26.54 -24.39 0.99
N VAL B 82 25.38 -24.87 1.45
CA VAL B 82 25.29 -26.12 2.20
C VAL B 82 24.29 -27.00 1.44
N SER B 83 24.81 -27.85 0.54
CA SER B 83 23.93 -28.65 -0.30
C SER B 83 23.42 -29.92 0.40
N GLU B 84 23.52 -29.94 1.73
CA GLU B 84 22.96 -31.00 2.58
C GLU B 84 21.79 -30.49 3.42
N GLU B 85 20.64 -31.15 3.33
CA GLU B 85 19.43 -30.76 4.04
C GLU B 85 19.59 -30.70 5.57
N PRO B 86 19.12 -29.62 6.22
CA PRO B 86 18.54 -28.40 5.62
C PRO B 86 19.52 -27.60 4.75
N ILE B 87 19.12 -27.37 3.49
CA ILE B 87 19.92 -26.63 2.50
C ILE B 87 19.99 -25.15 2.86
N TYR B 88 21.19 -24.57 2.72
CA TYR B 88 21.39 -23.12 2.87
C TYR B 88 22.15 -22.52 1.68
N ILE B 89 21.77 -21.29 1.31
CA ILE B 89 22.59 -20.47 0.41
C ILE B 89 23.03 -19.24 1.22
N VAL B 90 24.34 -19.01 1.27
CA VAL B 90 24.91 -17.97 2.11
C VAL B 90 25.46 -16.84 1.26
N THR B 91 25.10 -15.61 1.59
CA THR B 91 25.54 -14.44 0.82
C THR B 91 25.97 -13.31 1.73
N GLU B 92 26.55 -12.26 1.14
CA GLU B 92 26.72 -11.00 1.83
C GLU B 92 25.38 -10.51 2.36
N TYR B 93 25.45 -9.72 3.43
CA TYR B 93 24.28 -9.25 4.15
C TYR B 93 23.99 -7.82 3.75
N MET B 94 22.75 -7.58 3.32
CA MET B 94 22.33 -6.23 2.91
C MET B 94 21.44 -5.62 4.00
N SER B 95 21.98 -4.60 4.66
CA SER B 95 21.44 -4.19 5.96
C SER B 95 20.09 -3.48 5.93
N LYS B 96 19.70 -2.93 4.76
CA LYS B 96 18.49 -2.11 4.68
C LYS B 96 17.31 -2.79 4.01
N GLY B 97 17.43 -4.09 3.74
CA GLY B 97 16.32 -4.87 3.14
C GLY B 97 16.07 -4.58 1.66
N SER B 98 14.89 -4.94 1.17
CA SER B 98 14.58 -4.75 -0.26
C SER B 98 14.40 -3.28 -0.62
N LEU B 99 14.71 -2.93 -1.86
CA LEU B 99 14.48 -1.58 -2.36
C LEU B 99 13.00 -1.23 -2.27
N LEU B 100 12.13 -2.18 -2.62
CA LEU B 100 10.69 -1.94 -2.55
C LEU B 100 10.30 -1.48 -1.13
N ASP B 101 10.68 -2.25 -0.11
CA ASP B 101 10.37 -1.88 1.31
C ASP B 101 11.04 -0.57 1.73
N PHE B 102 12.27 -0.36 1.27
CA PHE B 102 13.00 0.91 1.51
C PHE B 102 12.26 2.12 0.99
N LEU B 103 11.81 2.04 -0.26
CA LEU B 103 11.07 3.11 -0.91
C LEU B 103 9.71 3.35 -0.24
N LYS B 104 9.05 2.26 0.20
CA LYS B 104 7.72 2.36 0.79
C LYS B 104 7.82 2.84 2.24
N GLY B 105 8.94 2.55 2.91
CA GLY B 105 9.13 2.84 4.34
C GLY B 105 9.43 4.30 4.69
N GLU B 106 9.85 4.51 5.94
CA GLU B 106 10.15 5.84 6.45
C GLU B 106 11.11 6.64 5.54
N MET B 107 12.02 5.95 4.85
CA MET B 107 13.01 6.63 4.00
C MET B 107 12.44 7.25 2.72
N GLY B 108 11.39 6.63 2.20
CA GLY B 108 10.75 7.08 0.96
C GLY B 108 10.60 8.58 0.87
N LYS B 109 9.99 9.17 1.90
CA LYS B 109 9.65 10.59 1.88
C LYS B 109 10.86 11.53 1.74
N TYR B 110 12.04 11.09 2.17
CA TYR B 110 13.26 11.93 2.08
C TYR B 110 14.06 11.80 0.77
N LEU B 111 13.96 10.64 0.12
CA LEU B 111 14.62 10.42 -1.17
C LEU B 111 14.13 11.40 -2.23
N ARG B 112 15.07 12.05 -2.89
CA ARG B 112 14.74 12.87 -4.04
C ARG B 112 15.39 12.27 -5.30
N LEU B 113 15.16 12.91 -6.42
CA LEU B 113 15.70 12.46 -7.71
C LEU B 113 17.21 12.15 -7.73
N PRO B 114 18.06 13.01 -7.12
CA PRO B 114 19.49 12.67 -7.11
C PRO B 114 19.82 11.31 -6.50
N GLN B 115 19.18 10.98 -5.37
CA GLN B 115 19.41 9.68 -4.74
C GLN B 115 18.79 8.55 -5.58
N LEU B 116 17.61 8.77 -6.12
CA LEU B 116 16.89 7.72 -6.86
C LEU B 116 17.56 7.39 -8.20
N VAL B 117 18.04 8.43 -8.88
CA VAL B 117 18.80 8.25 -10.12
C VAL B 117 20.11 7.51 -9.82
N ASP B 118 20.77 7.86 -8.71
CA ASP B 118 22.00 7.13 -8.34
C ASP B 118 21.76 5.63 -8.08
N MET B 119 20.66 5.33 -7.40
CA MET B 119 20.28 3.93 -7.16
C MET B 119 20.02 3.23 -8.50
N ALA B 120 19.32 3.92 -9.39
CA ALA B 120 19.05 3.40 -10.72
C ALA B 120 20.37 3.11 -11.45
N ALA B 121 21.33 4.05 -11.36
CA ALA B 121 22.68 3.89 -11.96
C ALA B 121 23.44 2.67 -11.45
N GLN B 122 23.34 2.43 -10.14
CA GLN B 122 23.99 1.27 -9.54
C GLN B 122 23.36 -0.04 -10.07
N ILE B 123 22.03 -0.08 -10.12
CA ILE B 123 21.32 -1.24 -10.65
C ILE B 123 21.71 -1.45 -12.14
N ALA B 124 21.74 -0.36 -12.92
CA ALA B 124 22.13 -0.44 -14.33
C ALA B 124 23.54 -1.00 -14.50
N SER B 125 24.44 -0.64 -13.58
CA SER B 125 25.81 -1.13 -13.58
C SER B 125 25.87 -2.66 -13.36
N GLY B 126 25.12 -3.14 -12.37
CA GLY B 126 25.00 -4.58 -12.13
C GLY B 126 24.42 -5.31 -13.34
N MET B 127 23.40 -4.71 -13.95
CA MET B 127 22.77 -5.30 -15.14
C MET B 127 23.66 -5.21 -16.39
N ALA B 128 24.53 -4.20 -16.45
CA ALA B 128 25.51 -4.10 -17.52
C ALA B 128 26.47 -5.27 -17.42
N TYR B 129 26.83 -5.64 -16.20
CA TYR B 129 27.70 -6.80 -15.97
C TYR B 129 26.99 -8.08 -16.44
N VAL B 130 25.72 -8.24 -16.06
CA VAL B 130 24.90 -9.38 -16.49
C VAL B 130 24.83 -9.45 -18.03
N GLU B 131 24.67 -8.29 -18.64
CA GLU B 131 24.70 -8.11 -20.08
C GLU B 131 26.03 -8.57 -20.71
N ARG B 132 27.18 -8.08 -20.22
CA ARG B 132 28.50 -8.50 -20.72
C ARG B 132 28.71 -10.01 -20.62
N MET B 133 28.20 -10.60 -19.55
CA MET B 133 28.38 -12.02 -19.25
C MET B 133 27.40 -12.94 -19.99
N ASN B 134 26.53 -12.37 -20.83
CA ASN B 134 25.54 -13.12 -21.62
C ASN B 134 24.48 -13.88 -20.81
N TYR B 135 24.12 -13.31 -19.67
CA TYR B 135 23.04 -13.82 -18.86
C TYR B 135 21.78 -12.98 -19.03
N VAL B 136 20.65 -13.54 -18.61
CA VAL B 136 19.40 -12.80 -18.50
C VAL B 136 18.89 -13.05 -17.07
N HIS B 137 18.34 -12.00 -16.45
CA HIS B 137 17.90 -12.10 -15.07
C HIS B 137 16.49 -12.67 -14.97
N ARG B 138 15.58 -12.08 -15.75
CA ARG B 138 14.17 -12.53 -15.89
C ARG B 138 13.21 -12.08 -14.78
N ASP B 139 13.74 -11.49 -13.70
CA ASP B 139 12.89 -11.11 -12.57
C ASP B 139 13.37 -9.79 -11.96
N LEU B 140 13.75 -8.86 -12.81
CA LEU B 140 14.24 -7.56 -12.39
C LEU B 140 13.08 -6.64 -11.98
N ARG B 141 13.11 -6.20 -10.72
CA ARG B 141 12.11 -5.32 -10.12
C ARG B 141 12.60 -4.89 -8.75
N ALA B 142 12.03 -3.81 -8.20
CA ALA B 142 12.51 -3.26 -6.92
C ALA B 142 12.49 -4.27 -5.75
N ALA B 143 11.54 -5.21 -5.77
CA ALA B 143 11.47 -6.22 -4.72
C ALA B 143 12.67 -7.17 -4.74
N ASN B 144 13.39 -7.19 -5.86
CA ASN B 144 14.56 -8.07 -6.03
C ASN B 144 15.87 -7.31 -6.09
N ILE B 145 15.83 -6.06 -5.63
CA ILE B 145 17.03 -5.27 -5.41
C ILE B 145 17.18 -5.17 -3.89
N LEU B 146 18.40 -5.30 -3.38
CA LEU B 146 18.63 -5.17 -1.94
C LEU B 146 19.45 -3.91 -1.64
N VAL B 147 19.20 -3.31 -0.49
CA VAL B 147 19.85 -2.05 -0.12
C VAL B 147 20.75 -2.29 1.08
N GLY B 148 21.94 -1.70 1.05
CA GLY B 148 22.87 -1.75 2.18
C GLY B 148 23.13 -0.35 2.71
N GLU B 149 24.27 -0.17 3.38
CA GLU B 149 24.65 1.14 3.93
C GLU B 149 24.97 2.09 2.79
N ASN B 150 24.88 3.39 3.05
CA ASN B 150 25.33 4.41 2.09
C ASN B 150 24.53 4.36 0.76
N LEU B 151 23.32 3.79 0.82
CA LEU B 151 22.41 3.70 -0.31
C LEU B 151 22.94 2.80 -1.45
N VAL B 152 23.82 1.86 -1.10
CA VAL B 152 24.30 0.86 -2.04
C VAL B 152 23.12 -0.05 -2.43
N CYS B 153 22.91 -0.22 -3.73
CA CYS B 153 21.87 -1.12 -4.23
C CYS B 153 22.47 -2.27 -5.02
N LYS B 154 21.98 -3.49 -4.79
CA LYS B 154 22.51 -4.65 -5.47
C LYS B 154 21.41 -5.55 -6.01
N VAL B 155 21.64 -6.06 -7.22
CA VAL B 155 20.70 -7.00 -7.83
C VAL B 155 20.77 -8.31 -7.05
N ALA B 156 19.60 -8.84 -6.73
CA ALA B 156 19.51 -10.10 -5.98
C ALA B 156 18.54 -11.05 -6.68
N ASP B 157 18.18 -12.13 -5.98
CA ASP B 157 17.23 -13.14 -6.44
C ASP B 157 17.44 -13.57 -7.88
N PHE B 158 18.48 -14.39 -8.06
CA PHE B 158 18.83 -14.95 -9.37
C PHE B 158 18.11 -16.28 -9.60
N GLY B 159 17.04 -16.49 -8.84
CA GLY B 159 16.23 -17.71 -8.89
C GLY B 159 15.67 -18.09 -10.25
N LEU B 160 15.60 -17.14 -11.18
CA LEU B 160 15.15 -17.44 -12.53
C LEU B 160 16.22 -17.10 -13.59
N ALA B 161 17.36 -16.59 -13.13
CA ALA B 161 18.42 -16.17 -14.04
C ALA B 161 19.05 -17.35 -14.79
N ARG B 162 19.46 -17.12 -16.03
CA ARG B 162 20.12 -18.17 -16.84
C ARG B 162 21.04 -17.58 -17.92
N LEU B 163 21.97 -18.40 -18.38
CA LEU B 163 22.82 -18.07 -19.51
C LEU B 163 21.97 -18.17 -20.78
N ILE B 164 22.12 -17.20 -21.67
CA ILE B 164 21.40 -17.21 -22.96
C ILE B 164 22.03 -18.24 -23.90
N PHE B 177 4.88 -15.67 -14.51
CA PHE B 177 5.68 -14.45 -14.54
C PHE B 177 4.81 -13.21 -14.30
N PRO B 178 5.23 -12.31 -13.37
CA PRO B 178 4.48 -11.08 -13.07
C PRO B 178 4.51 -10.16 -14.29
N ILE B 179 3.39 -10.13 -15.01
CA ILE B 179 3.29 -9.46 -16.30
C ILE B 179 3.61 -7.96 -16.25
N LYS B 180 3.35 -7.33 -15.10
CA LYS B 180 3.50 -5.88 -15.02
C LYS B 180 4.95 -5.43 -15.16
N TRP B 181 5.89 -6.33 -14.84
CA TRP B 181 7.32 -6.06 -15.04
C TRP B 181 7.92 -6.75 -16.30
N THR B 182 7.14 -7.63 -16.93
CA THR B 182 7.71 -8.52 -17.96
C THR B 182 7.44 -7.94 -19.35
N ALA B 183 8.46 -7.86 -20.20
CA ALA B 183 8.25 -7.46 -21.60
C ALA B 183 7.20 -8.34 -22.28
N PRO B 184 6.39 -7.76 -23.19
CA PRO B 184 5.35 -8.50 -23.93
C PRO B 184 5.85 -9.80 -24.61
N GLU B 185 6.95 -9.72 -25.37
CA GLU B 185 7.48 -10.92 -26.06
C GLU B 185 7.73 -12.06 -25.07
N ALA B 186 8.20 -11.69 -23.88
CA ALA B 186 8.58 -12.67 -22.87
C ALA B 186 7.37 -13.27 -22.18
N ALA B 187 6.41 -12.43 -21.78
CA ALA B 187 5.17 -12.90 -21.17
C ALA B 187 4.37 -13.77 -22.16
N LEU B 188 4.36 -13.37 -23.42
CA LEU B 188 3.55 -14.05 -24.43
C LEU B 188 4.26 -15.24 -25.07
N TYR B 189 5.49 -15.04 -25.54
CA TYR B 189 6.20 -16.03 -26.35
C TYR B 189 7.45 -16.66 -25.70
N GLY B 190 7.67 -16.39 -24.42
CA GLY B 190 8.84 -16.93 -23.72
C GLY B 190 10.18 -16.39 -24.20
N ARG B 191 10.17 -15.32 -24.99
CA ARG B 191 11.41 -14.73 -25.49
C ARG B 191 12.09 -13.80 -24.47
N PHE B 192 12.75 -14.43 -23.49
CA PHE B 192 13.53 -13.72 -22.48
C PHE B 192 14.94 -13.47 -22.97
N THR B 193 15.32 -12.19 -23.05
CA THR B 193 16.65 -11.79 -23.46
C THR B 193 17.10 -10.65 -22.54
N ILE B 194 18.35 -10.21 -22.66
CA ILE B 194 18.79 -9.04 -21.93
C ILE B 194 17.89 -7.83 -22.24
N LYS B 195 17.24 -7.86 -23.41
CA LYS B 195 16.36 -6.79 -23.84
C LYS B 195 15.01 -6.76 -23.13
N SER B 196 14.52 -7.95 -22.74
CA SER B 196 13.32 -8.01 -21.92
C SER B 196 13.65 -7.56 -20.48
N ASP B 197 14.88 -7.80 -20.05
CA ASP B 197 15.37 -7.23 -18.76
C ASP B 197 15.39 -5.68 -18.83
N VAL B 198 15.76 -5.12 -19.98
CA VAL B 198 15.78 -3.67 -20.17
C VAL B 198 14.38 -3.12 -20.01
N TRP B 199 13.39 -3.82 -20.56
CA TRP B 199 12.00 -3.48 -20.33
C TRP B 199 11.67 -3.42 -18.82
N SER B 200 12.08 -4.44 -18.08
CA SER B 200 11.79 -4.54 -16.64
C SER B 200 12.44 -3.37 -15.90
N PHE B 201 13.65 -3.00 -16.31
CA PHE B 201 14.36 -1.85 -15.77
C PHE B 201 13.57 -0.55 -15.95
N GLY B 202 12.96 -0.35 -17.11
CA GLY B 202 12.05 0.76 -17.33
C GLY B 202 10.91 0.80 -16.32
N ILE B 203 10.34 -0.37 -16.03
CA ILE B 203 9.27 -0.47 -15.04
C ILE B 203 9.82 -0.19 -13.63
N LEU B 204 11.01 -0.72 -13.36
CA LEU B 204 11.72 -0.42 -12.11
C LEU B 204 11.90 1.09 -11.92
N LEU B 205 12.18 1.82 -13.02
CA LEU B 205 12.36 3.27 -12.93
C LEU B 205 11.11 3.98 -12.46
N THR B 206 9.94 3.41 -12.77
CA THR B 206 8.67 3.97 -12.26
C THR B 206 8.49 3.64 -10.79
N GLU B 207 8.95 2.46 -10.36
CA GLU B 207 8.95 2.16 -8.93
C GLU B 207 9.81 3.17 -8.17
N LEU B 208 11.01 3.46 -8.68
CA LEU B 208 11.88 4.47 -8.07
C LEU B 208 11.23 5.85 -7.95
N THR B 209 10.64 6.32 -9.05
CA THR B 209 10.15 7.70 -9.11
C THR B 209 8.77 7.89 -8.45
N THR B 210 8.10 6.79 -8.09
CA THR B 210 6.82 6.87 -7.39
C THR B 210 6.97 6.44 -5.95
N LYS B 211 8.21 6.23 -5.51
CA LYS B 211 8.47 5.74 -4.15
C LYS B 211 7.83 4.36 -3.91
N GLY B 212 7.90 3.50 -4.92
CA GLY B 212 7.51 2.11 -4.75
C GLY B 212 6.08 1.71 -5.10
N ARG B 213 5.32 2.59 -5.75
CA ARG B 213 3.94 2.24 -6.15
C ARG B 213 3.92 1.12 -7.20
N VAL B 214 2.91 0.26 -7.12
CA VAL B 214 2.70 -0.79 -8.13
C VAL B 214 2.48 -0.13 -9.49
N PRO B 215 3.17 -0.62 -10.54
CA PRO B 215 2.99 -0.04 -11.89
C PRO B 215 1.56 -0.25 -12.43
N TYR B 216 1.18 0.55 -13.45
CA TYR B 216 -0.19 0.52 -14.00
C TYR B 216 -1.28 0.59 -12.92
N PRO B 217 -1.34 1.69 -12.14
CA PRO B 217 -2.29 1.76 -11.03
C PRO B 217 -3.73 1.50 -11.48
N GLY B 218 -4.46 0.69 -10.70
CA GLY B 218 -5.85 0.38 -10.98
C GLY B 218 -6.09 -0.62 -12.11
N MET B 219 -5.01 -1.13 -12.70
CA MET B 219 -5.12 -2.10 -13.79
C MET B 219 -4.81 -3.52 -13.34
N VAL B 220 -5.68 -4.45 -13.70
CA VAL B 220 -5.42 -5.87 -13.47
C VAL B 220 -4.53 -6.38 -14.60
N ASN B 221 -3.92 -7.53 -14.34
CA ASN B 221 -3.00 -8.18 -15.27
C ASN B 221 -3.45 -8.26 -16.72
N ARG B 222 -4.68 -8.71 -16.94
CA ARG B 222 -5.26 -8.84 -18.27
C ARG B 222 -5.39 -7.47 -18.96
N GLU B 223 -5.83 -6.46 -18.22
CA GLU B 223 -5.99 -5.13 -18.77
C GLU B 223 -4.62 -4.54 -19.13
N VAL B 224 -3.61 -4.80 -18.30
CA VAL B 224 -2.22 -4.39 -18.58
C VAL B 224 -1.71 -5.02 -19.88
N LEU B 225 -1.95 -6.31 -20.02
CA LEU B 225 -1.48 -7.06 -21.18
C LEU B 225 -2.15 -6.57 -22.46
N ASP B 226 -3.48 -6.42 -22.42
CA ASP B 226 -4.25 -5.92 -23.57
C ASP B 226 -3.83 -4.51 -23.97
N GLN B 227 -3.72 -3.63 -22.97
CA GLN B 227 -3.40 -2.23 -23.21
C GLN B 227 -2.00 -2.05 -23.78
N VAL B 228 -1.02 -2.73 -23.17
CA VAL B 228 0.38 -2.61 -23.62
C VAL B 228 0.53 -3.12 -25.06
N GLU B 229 -0.27 -4.12 -25.41
CA GLU B 229 -0.30 -4.67 -26.77
C GLU B 229 -0.83 -3.66 -27.78
N ARG B 230 -1.77 -2.85 -27.34
CA ARG B 230 -2.30 -1.77 -28.16
C ARG B 230 -1.44 -0.50 -28.10
N GLY B 231 -0.23 -0.60 -27.54
CA GLY B 231 0.71 0.53 -27.50
C GLY B 231 0.65 1.44 -26.28
N TYR B 232 -0.19 1.12 -25.31
CA TYR B 232 -0.21 1.87 -24.05
C TYR B 232 1.10 1.79 -23.25
N ARG B 233 1.49 2.94 -22.69
CA ARG B 233 2.68 3.08 -21.85
C ARG B 233 2.29 3.98 -20.69
N MET B 234 2.82 3.71 -19.49
CA MET B 234 2.61 4.58 -18.34
C MET B 234 3.09 6.00 -18.64
N PRO B 235 2.35 7.03 -18.16
CA PRO B 235 2.72 8.41 -18.41
C PRO B 235 3.82 8.86 -17.46
N CYS B 236 4.36 10.05 -17.72
CA CYS B 236 5.35 10.68 -16.84
C CYS B 236 4.81 10.78 -15.42
N PRO B 237 5.49 10.15 -14.45
CA PRO B 237 5.09 10.29 -13.04
C PRO B 237 5.15 11.75 -12.58
N PRO B 238 4.29 12.16 -11.63
CA PRO B 238 4.32 13.56 -11.20
C PRO B 238 5.71 13.97 -10.72
N GLU B 239 6.18 15.13 -11.17
CA GLU B 239 7.50 15.69 -10.82
C GLU B 239 8.69 14.96 -11.45
N CYS B 240 8.44 13.90 -12.21
CA CYS B 240 9.56 13.23 -12.90
C CYS B 240 9.84 14.01 -14.17
N PRO B 241 11.12 14.38 -14.41
CA PRO B 241 11.46 15.13 -15.62
C PRO B 241 11.13 14.30 -16.84
N GLU B 242 10.68 14.98 -17.90
CA GLU B 242 10.33 14.30 -19.16
C GLU B 242 11.49 13.52 -19.74
N SER B 243 12.72 14.00 -19.53
CA SER B 243 13.92 13.30 -20.01
C SER B 243 14.07 11.88 -19.41
N LEU B 244 13.64 11.71 -18.16
CA LEU B 244 13.71 10.40 -17.51
C LEU B 244 12.55 9.49 -17.95
N HIS B 245 11.38 10.08 -18.18
CA HIS B 245 10.25 9.32 -18.75
C HIS B 245 10.57 8.85 -20.17
N ASP B 246 11.27 9.68 -20.93
CA ASP B 246 11.67 9.32 -22.29
CA ASP B 246 11.69 9.33 -22.29
C ASP B 246 12.57 8.08 -22.26
N LEU B 247 13.46 8.03 -21.27
CA LEU B 247 14.33 6.88 -21.08
C LEU B 247 13.51 5.64 -20.77
N MET B 248 12.48 5.79 -19.93
CA MET B 248 11.55 4.72 -19.64
C MET B 248 10.91 4.22 -20.94
N CYS B 249 10.38 5.16 -21.75
CA CYS B 249 9.76 4.83 -23.03
C CYS B 249 10.72 4.15 -24.04
N GLN B 250 12.00 4.47 -23.96
CA GLN B 250 13.01 3.74 -24.75
C GLN B 250 13.16 2.28 -24.30
N CYS B 251 13.12 2.08 -22.98
CA CYS B 251 13.10 0.74 -22.38
C CYS B 251 11.85 -0.04 -22.76
N TRP B 252 10.76 0.67 -23.08
CA TRP B 252 9.48 0.03 -23.41
C TRP B 252 9.11 -0.01 -24.92
N ARG B 253 10.12 0.10 -25.77
CA ARG B 253 9.92 -0.02 -27.22
C ARG B 253 9.45 -1.43 -27.58
N LYS B 254 8.36 -1.51 -28.34
CA LYS B 254 7.74 -2.78 -28.78
C LYS B 254 8.79 -3.76 -29.31
N ASP B 255 9.75 -3.19 -30.02
CA ASP B 255 10.81 -3.92 -30.66
C ASP B 255 12.04 -4.12 -29.75
N PRO B 256 12.25 -5.35 -29.25
CA PRO B 256 13.28 -5.62 -28.24
C PRO B 256 14.65 -5.07 -28.61
N GLU B 257 15.05 -5.22 -29.87
CA GLU B 257 16.39 -4.79 -30.29
C GLU B 257 16.53 -3.26 -30.46
N GLU B 258 15.43 -2.53 -30.43
CA GLU B 258 15.45 -1.06 -30.42
C GLU B 258 15.60 -0.47 -29.00
N ARG B 259 15.53 -1.32 -27.97
CA ARG B 259 15.71 -0.90 -26.57
C ARG B 259 17.19 -0.65 -26.28
N PRO B 260 17.51 0.37 -25.45
CA PRO B 260 18.92 0.64 -25.13
C PRO B 260 19.63 -0.52 -24.41
N THR B 261 20.96 -0.51 -24.45
CA THR B 261 21.71 -1.47 -23.67
C THR B 261 21.78 -0.98 -22.20
N PHE B 262 22.12 -1.90 -21.29
CA PHE B 262 22.41 -1.51 -19.91
C PHE B 262 23.68 -0.67 -19.81
N GLU B 263 24.61 -0.91 -20.75
CA GLU B 263 25.81 -0.07 -20.86
C GLU B 263 25.44 1.41 -21.06
N TYR B 264 24.52 1.67 -21.98
CA TYR B 264 23.99 3.02 -22.22
C TYR B 264 23.22 3.57 -20.99
N LEU B 265 22.33 2.75 -20.43
CA LEU B 265 21.52 3.14 -19.27
C LEU B 265 22.40 3.54 -18.10
N GLN B 266 23.44 2.77 -17.81
CA GLN B 266 24.39 3.10 -16.75
C GLN B 266 25.05 4.47 -16.95
N ALA B 267 25.58 4.73 -18.15
CA ALA B 267 26.25 5.99 -18.49
C ALA B 267 25.29 7.16 -18.45
N PHE B 268 24.10 6.98 -19.02
CA PHE B 268 23.07 8.01 -19.01
C PHE B 268 22.72 8.42 -17.56
N LEU B 269 22.53 7.41 -16.71
CA LEU B 269 22.12 7.63 -15.31
C LEU B 269 23.26 8.20 -14.47
N GLU B 270 24.48 7.72 -14.69
CA GLU B 270 25.64 8.28 -14.00
C GLU B 270 25.85 9.76 -14.28
N ASP B 271 25.63 10.17 -15.53
CA ASP B 271 25.94 11.52 -15.97
C ASP B 271 24.73 12.45 -15.93
N TYR B 272 23.61 11.93 -15.44
CA TYR B 272 22.30 12.57 -15.67
C TYR B 272 22.19 14.05 -15.29
N PHE B 273 22.72 14.40 -14.11
CA PHE B 273 22.56 15.75 -13.59
C PHE B 273 23.54 16.76 -14.19
N THR B 274 24.53 16.27 -14.94
CA THR B 274 25.40 17.18 -15.71
C THR B 274 24.98 17.27 -17.17
N SER B 275 24.79 16.12 -17.80
CA SER B 275 24.56 16.03 -19.25
C SER B 275 23.10 16.19 -19.66
N THR B 276 22.19 15.78 -18.79
CA THR B 276 20.79 15.70 -19.19
C THR B 276 19.87 16.69 -18.46
N GLU B 277 20.03 16.84 -17.14
CA GLU B 277 19.21 17.81 -16.39
C GLU B 277 20.07 18.75 -15.57
N PRO B 278 20.89 19.58 -16.24
CA PRO B 278 21.82 20.42 -15.49
C PRO B 278 21.10 21.51 -14.68
N GLN B 279 19.86 21.82 -15.02
CA GLN B 279 19.06 22.84 -14.30
C GLN B 279 18.07 22.25 -13.28
N TYR B 280 18.17 20.95 -12.97
CA TYR B 280 17.23 20.32 -12.03
C TYR B 280 17.13 21.10 -10.71
N GLN B 281 15.90 21.33 -10.25
CA GLN B 281 15.69 21.91 -8.92
C GLN B 281 14.81 20.97 -8.11
N PRO B 282 15.13 20.78 -6.81
CA PRO B 282 14.29 19.87 -6.02
C PRO B 282 12.85 20.37 -5.95
N GLY B 283 11.90 19.44 -5.80
CA GLY B 283 10.49 19.77 -5.67
C GLY B 283 9.98 19.18 -4.38
N GLU B 284 8.67 19.04 -4.26
CA GLU B 284 8.06 18.49 -3.04
C GLU B 284 8.40 17.01 -2.80
N ASN B 285 8.41 16.21 -3.86
CA ASN B 285 8.63 14.77 -3.71
C ASN B 285 9.86 14.21 -4.44
N LEU B 286 10.24 14.85 -5.56
CA LEU B 286 11.41 14.44 -6.35
C LEU B 286 12.41 15.58 -6.55
#